data_7F2H
#
_entry.id   7F2H
#
_cell.length_a   49.483
_cell.length_b   49.727
_cell.length_c   199.989
_cell.angle_alpha   90.000
_cell.angle_beta   90.000
_cell.angle_gamma   90.000
#
_symmetry.space_group_name_H-M   'P 21 21 21'
#
loop_
_entity.id
_entity.type
_entity.pdbx_description
1 polymer 'Histidine kinase'
2 water water
#
_entity_poly.entity_id   1
_entity_poly.type   'polypeptide(L)'
_entity_poly.pdbx_seq_one_letter_code
;GSAKDPSLPERIDTFTELFNYQLAEKSYDIRVLQSNYPTKLLSPDSMLPQTADYPLKDIQQLYQLANTCRGKLPLSPLIT
EPLVFTRAICKGTQLTPRWFSRSGLIHPGGGSYAARYVDKYPELQDKLAQYMHIKERKNVQGDELLASLKSMNDDAINAL
IAGASMFIEQNELWLRRGDHYFVFPKSVWQENVANAGLSFKLASQTKSCFVKRGNICWDVE
;
_entity_poly.pdbx_strand_id   A,B
#
# COMPACT_ATOMS: atom_id res chain seq x y z
N ASP A 5 23.56 -12.90 11.24
CA ASP A 5 23.35 -11.64 10.54
C ASP A 5 22.16 -10.89 11.17
N PRO A 6 22.37 -9.64 11.58
CA PRO A 6 21.39 -8.94 12.42
C PRO A 6 19.99 -8.93 11.84
N SER A 7 19.00 -8.95 12.74
CA SER A 7 17.63 -8.80 12.30
C SER A 7 17.35 -7.34 12.00
N LEU A 8 16.31 -7.10 11.20
CA LEU A 8 15.89 -5.74 10.87
C LEU A 8 15.77 -4.85 12.11
N PRO A 9 15.07 -5.25 13.19
CA PRO A 9 15.05 -4.42 14.40
C PRO A 9 16.43 -4.07 14.94
N GLU A 10 17.37 -5.03 14.95
CA GLU A 10 18.71 -4.78 15.46
C GLU A 10 19.47 -3.78 14.62
N ARG A 11 19.29 -3.84 13.30
CA ARG A 11 19.95 -2.91 12.39
C ARG A 11 19.41 -1.48 12.56
N ILE A 12 18.10 -1.35 12.75
CA ILE A 12 17.49 -0.05 13.05
C ILE A 12 18.12 0.56 14.31
N ASP A 13 18.27 -0.25 15.38
CA ASP A 13 18.94 0.21 16.59
C ASP A 13 20.38 0.61 16.30
N THR A 14 21.10 -0.21 15.53
CA THR A 14 22.45 0.14 15.10
C THR A 14 22.43 1.40 14.26
N PHE A 15 21.41 1.56 13.43
CA PHE A 15 21.26 2.77 12.62
C PHE A 15 21.16 4.03 13.49
N THR A 16 20.33 4.01 14.54
CA THR A 16 20.16 5.25 15.31
C THR A 16 21.37 5.59 16.17
N GLU A 17 22.25 4.63 16.46
CA GLU A 17 23.43 4.85 17.28
C GLU A 17 24.62 5.35 16.47
N LEU A 18 24.47 5.47 15.16
CA LEU A 18 25.49 6.03 14.27
C LEU A 18 25.49 7.55 14.25
N PHE A 19 24.38 8.18 14.65
CA PHE A 19 24.23 9.63 14.58
C PHE A 19 24.92 10.28 15.78
N ASN A 20 25.53 11.43 15.55
CA ASN A 20 26.12 12.21 16.63
C ASN A 20 25.08 13.27 17.02
N TYR A 21 24.38 13.01 18.11
CA TYR A 21 23.26 13.86 18.48
C TYR A 21 23.70 15.23 18.94
N GLN A 22 24.95 15.37 19.39
CA GLN A 22 25.46 16.70 19.74
C GLN A 22 25.58 17.59 18.53
N LEU A 23 25.75 17.00 17.34
CA LEU A 23 26.00 17.77 16.13
C LEU A 23 24.76 17.93 15.26
N ALA A 24 23.58 17.56 15.74
CA ALA A 24 22.39 17.74 14.95
C ALA A 24 22.15 19.23 14.72
N GLU A 25 21.81 19.60 13.49
CA GLU A 25 21.70 21.01 13.14
C GLU A 25 20.43 21.63 13.71
N LYS A 26 19.33 20.86 13.77
CA LYS A 26 18.08 21.31 14.37
C LYS A 26 17.64 20.29 15.40
N SER A 27 17.04 20.77 16.49
CA SER A 27 16.45 19.87 17.47
C SER A 27 15.33 20.60 18.20
N TYR A 28 14.33 19.85 18.59
CA TYR A 28 13.19 20.42 19.28
C TYR A 28 12.88 19.62 20.53
N ASP A 29 12.47 20.33 21.56
CA ASP A 29 12.10 19.74 22.83
C ASP A 29 10.61 19.41 22.79
N ILE A 30 10.28 18.11 22.88
CA ILE A 30 8.89 17.68 22.74
C ILE A 30 8.00 18.32 23.80
N ARG A 31 8.53 18.55 25.00
CA ARG A 31 7.74 19.25 26.01
C ARG A 31 7.39 20.66 25.58
N VAL A 32 8.36 21.37 24.98
CA VAL A 32 8.06 22.69 24.43
C VAL A 32 7.07 22.58 23.30
N LEU A 33 7.24 21.57 22.43
CA LEU A 33 6.29 21.37 21.34
C LEU A 33 4.88 21.17 21.88
N GLN A 34 4.70 20.32 22.89
CA GLN A 34 3.35 20.09 23.40
C GLN A 34 2.77 21.33 24.05
N SER A 35 3.60 22.06 24.80
CA SER A 35 3.12 23.23 25.54
C SER A 35 2.66 24.33 24.59
N ASN A 36 3.25 24.43 23.40
CA ASN A 36 2.91 25.48 22.44
C ASN A 36 1.97 25.04 21.34
N TYR A 37 1.84 23.75 21.05
CA TYR A 37 0.91 23.29 20.02
C TYR A 37 0.08 22.15 20.58
N PRO A 38 -1.13 22.43 21.05
CA PRO A 38 -2.02 21.33 21.43
C PRO A 38 -2.22 20.47 20.21
N THR A 39 -2.35 19.18 20.44
CA THR A 39 -2.46 18.24 19.34
C THR A 39 -3.55 18.61 18.33
N LYS A 40 -4.70 19.10 18.81
CA LYS A 40 -5.76 19.46 17.84
C LYS A 40 -5.32 20.55 16.87
N LEU A 41 -4.31 21.33 17.22
CA LEU A 41 -3.84 22.35 16.30
C LEU A 41 -2.79 21.82 15.35
N LEU A 42 -2.41 20.54 15.48
CA LEU A 42 -1.49 19.91 14.55
C LEU A 42 -2.18 18.90 13.65
N SER A 43 -3.17 18.17 14.17
CA SER A 43 -3.88 17.13 13.43
C SER A 43 -4.42 17.65 12.11
N PRO A 44 -4.10 17.00 10.98
CA PRO A 44 -4.71 17.42 9.71
C PRO A 44 -6.21 17.26 9.70
N ASP A 45 -6.73 16.28 10.44
CA ASP A 45 -8.17 16.04 10.53
C ASP A 45 -8.90 17.23 11.11
N SER A 46 -8.22 18.03 11.93
CA SER A 46 -8.85 19.19 12.55
C SER A 46 -9.31 20.21 11.54
N MET A 47 -8.74 20.21 10.34
CA MET A 47 -9.16 21.13 9.30
C MET A 47 -10.37 20.63 8.54
N LEU A 48 -10.87 19.45 8.85
CA LEU A 48 -11.98 18.81 8.14
C LEU A 48 -13.25 18.86 8.97
N PRO A 49 -14.41 18.71 8.33
CA PRO A 49 -15.65 18.60 9.11
C PRO A 49 -15.53 17.50 10.13
N GLN A 50 -15.88 17.84 11.38
CA GLN A 50 -15.72 16.96 12.53
C GLN A 50 -16.84 15.90 12.62
N THR A 51 -16.91 15.07 11.58
CA THR A 51 -17.97 14.07 11.55
C THR A 51 -17.76 12.93 12.53
N ALA A 52 -16.59 12.85 13.16
CA ALA A 52 -16.45 11.85 14.20
C ALA A 52 -17.23 12.21 15.46
N ASP A 53 -17.54 13.50 15.67
CA ASP A 53 -18.27 13.95 16.86
C ASP A 53 -19.69 14.46 16.59
N TYR A 54 -19.94 15.11 15.46
CA TYR A 54 -21.22 15.67 15.07
C TYR A 54 -21.67 15.10 13.73
N PRO A 55 -22.96 14.76 13.60
CA PRO A 55 -23.48 14.37 12.28
C PRO A 55 -23.36 15.50 11.27
N LEU A 56 -23.11 15.15 10.01
CA LEU A 56 -22.98 16.18 8.99
C LEU A 56 -24.23 17.04 8.89
N LYS A 57 -25.37 16.53 9.36
CA LYS A 57 -26.59 17.32 9.42
C LYS A 57 -26.47 18.45 10.45
N ASP A 58 -25.92 18.15 11.64
CA ASP A 58 -25.73 19.17 12.65
C ASP A 58 -24.76 20.26 12.17
N ILE A 59 -23.72 19.86 11.43
CA ILE A 59 -22.72 20.83 10.97
C ILE A 59 -23.33 21.77 9.95
N GLN A 60 -24.24 21.27 9.12
CA GLN A 60 -24.88 22.13 8.14
C GLN A 60 -25.91 23.03 8.80
N GLN A 61 -26.57 22.57 9.87
CA GLN A 61 -27.47 23.43 10.62
C GLN A 61 -26.70 24.53 11.34
N LEU A 62 -25.48 24.24 11.79
CA LEU A 62 -24.65 25.28 12.39
C LEU A 62 -24.29 26.37 11.38
N TYR A 63 -23.93 25.97 10.16
CA TYR A 63 -23.66 26.97 9.13
C TYR A 63 -24.89 27.81 8.84
N GLN A 64 -26.07 27.18 8.81
CA GLN A 64 -27.28 27.94 8.55
C GLN A 64 -27.59 28.87 9.72
N LEU A 65 -27.41 28.39 10.94
CA LEU A 65 -27.54 29.29 12.08
C LEU A 65 -26.49 30.38 12.02
N ALA A 66 -25.31 30.09 11.48
CA ALA A 66 -24.30 31.13 11.34
C ALA A 66 -24.69 32.12 10.25
N ASN A 67 -25.00 31.63 9.05
CA ASN A 67 -25.26 32.51 7.92
C ASN A 67 -26.52 33.32 8.09
N THR A 68 -27.54 32.79 8.77
CA THR A 68 -28.79 33.55 8.96
C THR A 68 -28.91 34.19 10.33
N CYS A 69 -28.22 33.67 11.34
CA CYS A 69 -28.34 34.07 12.74
C CYS A 69 -29.71 33.76 13.31
N ARG A 70 -30.50 32.97 12.58
CA ARG A 70 -31.73 32.37 13.09
C ARG A 70 -31.64 30.86 12.88
N GLY A 71 -32.46 30.13 13.63
CA GLY A 71 -32.56 28.69 13.46
C GLY A 71 -32.20 27.91 14.70
N LYS A 72 -32.85 26.78 14.94
CA LYS A 72 -32.58 25.95 16.10
C LYS A 72 -31.62 24.83 15.75
N LEU A 73 -31.04 24.22 16.77
CA LEU A 73 -30.12 23.10 16.58
C LEU A 73 -30.44 22.01 17.59
N PRO A 74 -30.16 20.75 17.27
CA PRO A 74 -30.37 19.68 18.27
C PRO A 74 -29.43 19.89 19.44
N LEU A 75 -29.88 19.50 20.62
CA LEU A 75 -29.10 19.76 21.82
C LEU A 75 -28.30 18.52 22.20
N SER A 76 -27.22 18.75 22.95
CA SER A 76 -26.26 17.73 23.33
C SER A 76 -25.17 18.37 24.19
N PRO A 77 -24.51 17.62 25.09
CA PRO A 77 -23.49 18.25 25.93
C PRO A 77 -22.38 18.92 25.13
N LEU A 78 -21.98 18.33 24.01
CA LEU A 78 -20.82 18.84 23.30
C LEU A 78 -21.17 20.10 22.49
N ILE A 79 -22.30 20.09 21.79
CA ILE A 79 -22.62 21.19 20.90
C ILE A 79 -22.81 22.50 21.66
N THR A 80 -22.91 22.45 22.98
CA THR A 80 -23.13 23.67 23.74
C THR A 80 -22.03 24.67 23.48
N GLU A 81 -20.77 24.22 23.42
CA GLU A 81 -19.68 25.17 23.19
C GLU A 81 -19.74 25.79 21.79
N PRO A 82 -19.93 25.01 20.71
CA PRO A 82 -20.07 25.68 19.40
C PRO A 82 -21.28 26.58 19.32
N LEU A 83 -22.35 26.29 20.08
CA LEU A 83 -23.52 27.16 20.06
C LEU A 83 -23.18 28.52 20.65
N VAL A 84 -22.46 28.53 21.79
CA VAL A 84 -22.04 29.80 22.39
C VAL A 84 -21.23 30.59 21.39
N PHE A 85 -20.29 29.92 20.71
CA PHE A 85 -19.45 30.62 19.74
C PHE A 85 -20.33 31.26 18.67
N THR A 86 -21.23 30.46 18.09
CA THR A 86 -22.04 30.91 16.96
C THR A 86 -22.91 32.08 17.36
N ARG A 87 -23.54 32.01 18.54
CA ARG A 87 -24.41 33.10 18.97
C ARG A 87 -23.60 34.34 19.30
N ALA A 88 -22.39 34.17 19.85
CA ALA A 88 -21.57 35.33 20.20
C ALA A 88 -21.28 36.16 18.97
N ILE A 89 -21.00 35.50 17.85
CA ILE A 89 -20.75 36.18 16.60
C ILE A 89 -21.99 36.95 16.18
N CYS A 90 -23.16 36.31 16.23
CA CYS A 90 -24.40 36.98 15.86
C CYS A 90 -24.72 38.12 16.82
N LYS A 91 -24.60 37.88 18.13
CA LYS A 91 -24.94 38.90 19.12
C LYS A 91 -23.88 39.99 19.27
N GLY A 92 -22.74 39.85 18.61
CA GLY A 92 -21.66 40.80 18.85
C GLY A 92 -21.09 40.70 20.24
N THR A 93 -21.20 39.54 20.88
CA THR A 93 -20.57 39.30 22.17
C THR A 93 -19.06 39.22 22.00
N GLN A 94 -18.33 39.91 22.88
CA GLN A 94 -16.87 39.88 22.84
C GLN A 94 -16.39 38.56 23.44
N LEU A 95 -15.63 37.81 22.66
CA LEU A 95 -14.97 36.60 23.12
C LEU A 95 -13.51 36.96 23.36
N THR A 96 -13.04 36.76 24.58
CA THR A 96 -11.69 37.15 24.96
C THR A 96 -10.71 36.06 24.57
N PRO A 97 -9.41 36.36 24.59
CA PRO A 97 -8.43 35.30 24.31
C PRO A 97 -8.54 34.16 25.31
N ARG A 98 -8.89 34.47 26.56
CA ARG A 98 -9.08 33.43 27.57
C ARG A 98 -10.14 32.42 27.12
N TRP A 99 -11.21 32.90 26.47
CA TRP A 99 -12.25 32.00 26.00
C TRP A 99 -11.70 30.99 24.99
N PHE A 100 -10.78 31.42 24.12
CA PHE A 100 -10.25 30.47 23.14
C PHE A 100 -9.30 29.48 23.78
N SER A 101 -8.52 29.95 24.78
CA SER A 101 -7.59 29.06 25.47
C SER A 101 -8.34 28.05 26.32
N ARG A 102 -9.58 28.33 26.68
CA ARG A 102 -10.36 27.43 27.50
C ARG A 102 -11.30 26.56 26.68
N SER A 103 -11.36 26.78 25.36
CA SER A 103 -12.29 26.09 24.47
C SER A 103 -11.68 24.79 23.96
N GLY A 104 -12.48 24.05 23.20
CA GLY A 104 -11.99 22.89 22.49
C GLY A 104 -11.29 23.23 21.20
N LEU A 105 -11.17 24.53 20.90
CA LEU A 105 -10.36 25.09 19.81
C LEU A 105 -10.87 24.85 18.40
N ILE A 106 -11.37 23.65 18.10
CA ILE A 106 -11.75 23.25 16.75
C ILE A 106 -13.26 23.39 16.56
N HIS A 107 -13.65 24.11 15.50
CA HIS A 107 -15.05 24.30 15.18
C HIS A 107 -15.62 23.01 14.58
N PRO A 108 -16.89 22.69 14.83
CA PRO A 108 -17.41 21.45 14.26
C PRO A 108 -17.28 21.37 12.72
N GLY A 109 -17.32 22.50 12.03
CA GLY A 109 -17.19 22.42 10.58
C GLY A 109 -15.76 22.37 10.06
N GLY A 110 -14.78 22.10 10.92
CA GLY A 110 -13.39 22.05 10.47
C GLY A 110 -12.76 23.41 10.72
N GLY A 111 -11.50 23.43 11.16
CA GLY A 111 -10.83 24.68 11.45
C GLY A 111 -11.02 25.11 12.88
N SER A 112 -10.42 26.25 13.22
CA SER A 112 -10.43 26.68 14.59
C SER A 112 -11.45 27.77 14.81
N TYR A 113 -11.90 27.88 16.06
CA TYR A 113 -12.71 29.01 16.45
C TYR A 113 -11.96 30.32 16.21
N ALA A 114 -10.69 30.37 16.65
CA ALA A 114 -9.86 31.57 16.49
C ALA A 114 -9.83 32.06 15.05
N ALA A 115 -9.58 31.15 14.10
CA ALA A 115 -9.51 31.60 12.71
C ALA A 115 -10.84 32.16 12.25
N ARG A 116 -11.94 31.54 12.69
CA ARG A 116 -13.25 32.02 12.30
C ARG A 116 -13.53 33.36 12.96
N TYR A 117 -13.21 33.49 14.24
CA TYR A 117 -13.36 34.77 14.93
C TYR A 117 -12.56 35.85 14.22
N VAL A 118 -11.29 35.58 13.90
CA VAL A 118 -10.44 36.58 13.29
C VAL A 118 -10.96 36.95 11.90
N ASP A 119 -11.67 36.02 11.25
CA ASP A 119 -12.33 36.34 9.99
C ASP A 119 -13.35 37.46 10.17
N LYS A 120 -14.10 37.45 11.28
CA LYS A 120 -15.02 38.55 11.48
C LYS A 120 -14.28 39.77 12.01
N TYR A 121 -13.36 39.55 12.96
CA TYR A 121 -12.60 40.65 13.56
C TYR A 121 -11.12 40.56 13.20
N PRO A 122 -10.72 41.04 12.01
CA PRO A 122 -9.32 40.83 11.56
C PRO A 122 -8.25 41.47 12.44
N GLU A 123 -8.61 42.38 13.34
CA GLU A 123 -7.62 43.02 14.18
C GLU A 123 -7.18 42.12 15.32
N LEU A 124 -7.88 41.00 15.55
CA LEU A 124 -7.52 40.12 16.65
C LEU A 124 -6.51 39.09 16.20
N GLN A 125 -5.98 39.25 14.99
CA GLN A 125 -5.07 38.29 14.40
C GLN A 125 -3.94 37.92 15.34
N ASP A 126 -3.21 38.92 15.84
CA ASP A 126 -2.04 38.60 16.65
C ASP A 126 -2.41 38.04 18.03
N LYS A 127 -3.57 38.40 18.56
CA LYS A 127 -3.91 37.88 19.87
C LYS A 127 -4.33 36.42 19.79
N LEU A 128 -4.95 36.00 18.69
CA LEU A 128 -5.57 34.69 18.60
C LEU A 128 -4.82 33.72 17.69
N ALA A 129 -3.64 34.12 17.21
CA ALA A 129 -2.89 33.28 16.29
C ALA A 129 -2.50 31.97 16.93
N GLN A 130 -2.19 31.99 18.23
CA GLN A 130 -1.76 30.79 18.95
C GLN A 130 -2.87 29.78 19.15
N TYR A 131 -4.13 30.17 18.98
CA TYR A 131 -5.24 29.23 19.12
C TYR A 131 -5.75 28.73 17.78
N MET A 132 -5.04 29.06 16.69
CA MET A 132 -5.39 28.65 15.34
C MET A 132 -4.65 27.37 14.96
N HIS A 133 -5.21 26.64 14.03
CA HIS A 133 -4.52 25.47 13.49
C HIS A 133 -3.32 25.92 12.67
N ILE A 134 -2.23 25.14 12.72
CA ILE A 134 -1.00 25.57 12.03
C ILE A 134 -1.25 25.84 10.55
N LYS A 135 -2.21 25.12 9.94
CA LYS A 135 -2.54 25.37 8.54
C LYS A 135 -3.28 26.70 8.34
N GLU A 136 -3.79 27.31 9.42
CA GLU A 136 -4.42 28.61 9.33
C GLU A 136 -3.46 29.74 9.64
N ARG A 137 -2.25 29.42 10.09
CA ARG A 137 -1.32 30.42 10.59
C ARG A 137 -0.30 30.81 9.52
N LYS A 138 0.05 32.08 9.51
CA LYS A 138 1.12 32.54 8.63
C LYS A 138 2.45 32.27 9.32
N ASN A 139 3.48 32.07 8.52
CA ASN A 139 4.82 31.90 9.07
C ASN A 139 5.34 33.24 9.56
N VAL A 140 5.97 33.23 10.73
CA VAL A 140 6.52 34.43 11.37
C VAL A 140 8.04 34.34 11.36
N GLN A 141 8.70 35.49 11.18
CA GLN A 141 10.17 35.52 11.10
C GLN A 141 10.82 34.96 12.36
N GLY A 142 11.61 33.90 12.21
CA GLY A 142 12.32 33.33 13.33
C GLY A 142 11.55 32.31 14.13
N ASP A 143 10.39 31.85 13.63
CA ASP A 143 9.63 30.75 14.23
C ASP A 143 9.88 29.56 13.33
N GLU A 144 11.01 28.90 13.55
CA GLU A 144 11.38 27.80 12.68
C GLU A 144 10.58 26.55 13.00
N LEU A 145 10.21 26.35 14.27
CA LEU A 145 9.39 25.19 14.57
C LEU A 145 8.07 25.24 13.82
N LEU A 146 7.36 26.37 13.92
CA LEU A 146 6.14 26.55 13.14
C LEU A 146 6.41 26.34 11.67
N ALA A 147 7.52 26.87 11.16
CA ALA A 147 7.87 26.60 9.78
C ALA A 147 8.01 25.09 9.54
N SER A 148 8.73 24.38 10.42
CA SER A 148 8.88 22.94 10.21
C SER A 148 7.53 22.23 10.31
N LEU A 149 6.70 22.60 11.29
CA LEU A 149 5.43 21.92 11.44
C LEU A 149 4.55 22.13 10.22
N LYS A 150 4.53 23.36 9.69
CA LYS A 150 3.67 23.68 8.57
C LYS A 150 4.08 22.95 7.32
N SER A 151 5.39 22.69 7.16
CA SER A 151 5.86 22.06 5.94
C SER A 151 5.66 20.55 5.92
N MET A 152 5.32 19.92 7.05
CA MET A 152 5.13 18.47 7.08
C MET A 152 3.84 18.04 6.38
N ASN A 153 3.91 16.92 5.65
CA ASN A 153 2.69 16.33 5.11
C ASN A 153 2.00 15.49 6.19
N ASP A 154 0.80 15.00 5.87
CA ASP A 154 -0.03 14.33 6.87
C ASP A 154 0.71 13.18 7.56
N ASP A 155 1.33 12.29 6.78
CA ASP A 155 2.01 11.14 7.35
C ASP A 155 3.14 11.58 8.27
N ALA A 156 3.86 12.65 7.92
CA ALA A 156 4.96 13.09 8.76
C ALA A 156 4.43 13.70 10.07
N ILE A 157 3.47 14.62 9.98
CA ILE A 157 2.98 15.28 11.19
C ILE A 157 2.22 14.28 12.07
N ASN A 158 1.54 13.30 11.46
CA ASN A 158 0.91 12.27 12.28
C ASN A 158 1.94 11.41 12.98
N ALA A 159 3.08 11.16 12.34
CA ALA A 159 4.14 10.47 13.07
C ALA A 159 4.65 11.32 14.23
N LEU A 160 4.75 12.64 14.01
CA LEU A 160 5.15 13.56 15.07
C LEU A 160 4.14 13.53 16.21
N ILE A 161 2.87 13.66 15.87
CA ILE A 161 1.82 13.65 16.88
C ILE A 161 1.87 12.36 17.67
N ALA A 162 2.17 11.25 16.98
CA ALA A 162 2.26 9.97 17.66
C ALA A 162 3.54 9.86 18.48
N GLY A 163 4.45 10.83 18.37
CA GLY A 163 5.69 10.74 19.11
C GLY A 163 6.52 9.57 18.65
N ALA A 164 6.49 9.27 17.36
CA ALA A 164 7.19 8.13 16.79
C ALA A 164 8.68 8.24 17.04
N SER A 165 9.33 7.08 17.08
CA SER A 165 10.78 7.04 17.29
C SER A 165 11.51 7.79 16.20
N MET A 166 10.96 7.80 15.00
CA MET A 166 11.59 8.46 13.85
C MET A 166 10.54 8.69 12.77
N PHE A 167 10.88 9.58 11.84
CA PHE A 167 10.09 9.78 10.63
C PHE A 167 10.89 10.66 9.68
N ILE A 168 10.56 10.54 8.40
CA ILE A 168 11.22 11.31 7.34
C ILE A 168 10.34 12.52 7.03
N GLU A 169 10.96 13.70 6.99
CA GLU A 169 10.28 14.94 6.62
C GLU A 169 11.00 15.47 5.37
N GLN A 170 10.37 15.28 4.20
CA GLN A 170 10.99 15.59 2.92
C GLN A 170 12.33 14.88 2.82
N ASN A 171 13.43 15.62 2.88
CA ASN A 171 14.75 15.00 2.84
C ASN A 171 15.45 15.01 4.19
N GLU A 172 14.76 15.42 5.24
CA GLU A 172 15.36 15.39 6.57
C GLU A 172 14.79 14.23 7.36
N LEU A 173 15.62 13.71 8.25
CA LEU A 173 15.24 12.62 9.13
C LEU A 173 15.13 13.16 10.54
N TRP A 174 13.95 12.97 11.15
CA TRP A 174 13.70 13.31 12.54
C TRP A 174 13.88 12.06 13.40
N LEU A 175 14.73 12.15 14.41
CA LEU A 175 15.03 11.04 15.32
C LEU A 175 14.71 11.47 16.74
N ARG A 176 14.00 10.62 17.48
CA ARG A 176 13.66 10.94 18.85
C ARG A 176 14.75 10.42 19.78
N ARG A 177 15.14 11.25 20.74
CA ARG A 177 16.06 10.84 21.80
C ARG A 177 15.67 11.56 23.09
N GLY A 178 15.11 10.81 24.04
CA GLY A 178 14.65 11.41 25.29
C GLY A 178 13.50 12.35 25.04
N ASP A 179 13.64 13.62 25.45
CA ASP A 179 12.59 14.60 25.29
C ASP A 179 12.71 15.38 23.99
N HIS A 180 13.57 14.97 23.07
CA HIS A 180 13.89 15.80 21.91
C HIS A 180 13.82 15.00 20.62
N TYR A 181 13.56 15.73 19.55
CA TYR A 181 13.73 15.23 18.20
C TYR A 181 14.97 15.91 17.65
N PHE A 182 15.82 15.15 16.97
CA PHE A 182 17.02 15.68 16.37
C PHE A 182 16.87 15.52 14.86
N VAL A 183 17.14 16.59 14.11
CA VAL A 183 16.92 16.65 12.67
C VAL A 183 18.25 16.60 11.93
N PHE A 184 18.38 15.64 11.01
CA PHE A 184 19.59 15.37 10.25
C PHE A 184 19.32 15.44 8.75
N PRO A 185 20.23 16.02 7.97
CA PRO A 185 20.00 16.09 6.52
C PRO A 185 20.41 14.79 5.84
N LYS A 186 19.94 14.64 4.59
CA LYS A 186 20.22 13.43 3.82
C LYS A 186 21.72 13.18 3.71
N SER A 187 22.53 14.24 3.63
CA SER A 187 23.98 14.09 3.54
C SER A 187 24.53 13.32 4.74
N VAL A 188 23.80 13.28 5.85
CA VAL A 188 24.19 12.50 7.01
C VAL A 188 23.43 11.18 7.08
N TRP A 189 22.11 11.19 6.90
CA TRP A 189 21.40 9.95 7.16
C TRP A 189 21.52 8.92 6.03
N GLN A 190 21.63 9.33 4.76
CA GLN A 190 21.64 8.35 3.67
C GLN A 190 22.80 7.35 3.82
N GLU A 191 23.99 7.84 4.15
CA GLU A 191 25.13 6.97 4.33
C GLU A 191 24.95 6.10 5.57
N ASN A 192 24.27 6.63 6.59
CA ASN A 192 24.03 5.84 7.79
C ASN A 192 23.08 4.69 7.48
N VAL A 193 22.11 4.92 6.60
CA VAL A 193 21.23 3.83 6.19
C VAL A 193 22.05 2.70 5.58
N ALA A 194 22.99 3.06 4.70
CA ALA A 194 23.82 2.05 4.06
C ALA A 194 24.76 1.38 5.05
N ASN A 195 25.39 2.16 5.95
CA ASN A 195 26.37 1.56 6.84
C ASN A 195 25.74 0.64 7.86
N ALA A 196 24.43 0.75 8.05
CA ALA A 196 23.71 -0.13 8.96
C ALA A 196 23.16 -1.37 8.26
N GLY A 197 23.18 -1.39 6.93
CA GLY A 197 22.72 -2.54 6.18
C GLY A 197 21.23 -2.48 5.94
N LEU A 198 20.71 -1.27 5.68
CA LEU A 198 19.28 -1.05 5.58
C LEU A 198 18.91 -0.39 4.26
N SER A 199 17.60 -0.32 4.06
CA SER A 199 16.96 0.44 2.99
C SER A 199 15.57 0.74 3.51
N PHE A 200 14.88 1.66 2.85
CA PHE A 200 13.54 1.94 3.28
C PHE A 200 12.75 2.58 2.17
N LYS A 201 11.43 2.54 2.34
CA LYS A 201 10.46 3.26 1.55
C LYS A 201 9.47 3.92 2.52
N LEU A 202 8.84 5.00 2.07
CA LEU A 202 7.84 5.68 2.88
C LEU A 202 6.55 4.87 2.92
N ALA A 203 5.77 5.09 3.97
CA ALA A 203 4.54 4.32 4.13
C ALA A 203 3.58 4.57 2.99
N SER A 204 3.61 5.75 2.41
CA SER A 204 2.74 6.11 1.30
C SER A 204 3.21 5.58 -0.06
N GLN A 205 4.39 4.96 -0.15
CA GLN A 205 4.93 4.54 -1.43
C GLN A 205 4.75 3.05 -1.70
N THR A 206 4.92 2.24 -0.67
CA THR A 206 4.78 0.80 -0.73
C THR A 206 3.44 0.38 -0.14
N LYS A 207 3.06 -0.86 -0.45
CA LYS A 207 1.88 -1.50 0.11
C LYS A 207 2.25 -2.47 1.22
N SER A 208 3.53 -2.77 1.39
CA SER A 208 4.04 -3.72 2.37
C SER A 208 4.93 -2.99 3.37
N CYS A 209 4.39 -2.70 4.55
CA CYS A 209 5.13 -2.04 5.62
C CYS A 209 5.14 -2.97 6.84
N PHE A 210 6.05 -3.95 6.81
CA PHE A 210 6.10 -4.94 7.89
C PHE A 210 6.94 -4.46 9.06
N VAL A 211 7.94 -3.63 8.84
CA VAL A 211 8.72 -3.06 9.95
C VAL A 211 8.58 -1.55 9.85
N LYS A 212 7.56 -1.01 10.51
CA LYS A 212 7.18 0.39 10.42
C LYS A 212 7.75 1.16 11.60
N ARG A 213 8.31 2.33 11.31
CA ARG A 213 8.78 3.26 12.34
C ARG A 213 8.34 4.64 11.87
N GLY A 214 7.31 5.20 12.52
CA GLY A 214 6.77 6.45 12.01
C GLY A 214 6.23 6.22 10.62
N ASN A 215 6.64 7.07 9.67
CA ASN A 215 6.24 6.92 8.28
C ASN A 215 7.28 6.18 7.44
N ILE A 216 8.08 5.31 8.06
CA ILE A 216 9.18 4.64 7.39
C ILE A 216 8.95 3.13 7.41
N CYS A 217 9.15 2.50 6.26
CA CYS A 217 9.00 1.04 6.10
C CYS A 217 10.39 0.49 5.83
N TRP A 218 11.01 -0.05 6.86
CA TRP A 218 12.39 -0.46 6.74
C TRP A 218 12.46 -1.79 5.99
N ASP A 219 13.67 -2.12 5.53
CA ASP A 219 14.01 -3.38 4.88
C ASP A 219 15.53 -3.47 4.85
N VAL A 220 16.04 -4.58 4.34
CA VAL A 220 17.48 -4.76 4.24
C VAL A 220 18.01 -4.00 3.02
N GLU A 221 19.31 -3.70 3.04
CA GLU A 221 20.03 -3.05 1.94
C GLU A 221 19.62 -3.60 0.58
N PRO B 6 -11.17 12.16 -25.30
CA PRO B 6 -11.66 10.80 -25.01
C PRO B 6 -11.34 10.39 -23.59
N SER B 7 -12.20 9.56 -23.01
CA SER B 7 -12.03 9.03 -21.67
C SER B 7 -11.00 7.91 -21.67
N LEU B 8 -10.48 7.58 -20.48
CA LEU B 8 -9.50 6.49 -20.34
C LEU B 8 -9.91 5.19 -21.04
N PRO B 9 -11.10 4.60 -20.78
CA PRO B 9 -11.48 3.36 -21.48
C PRO B 9 -11.37 3.45 -22.99
N GLU B 10 -11.78 4.58 -23.57
CA GLU B 10 -11.69 4.78 -25.01
C GLU B 10 -10.22 4.78 -25.44
N ARG B 11 -9.35 5.39 -24.63
CA ARG B 11 -7.94 5.40 -24.94
C ARG B 11 -7.32 4.00 -24.83
N ILE B 12 -7.66 3.27 -23.77
CA ILE B 12 -7.19 1.88 -23.65
C ILE B 12 -7.64 1.06 -24.86
N ASP B 13 -8.90 1.22 -25.29
CA ASP B 13 -9.36 0.54 -26.50
C ASP B 13 -8.58 1.00 -27.73
N THR B 14 -8.33 2.30 -27.86
CA THR B 14 -7.51 2.79 -28.96
C THR B 14 -6.10 2.23 -28.87
N PHE B 15 -5.57 2.09 -27.66
CA PHE B 15 -4.25 1.52 -27.45
C PHE B 15 -4.14 0.10 -28.03
N THR B 16 -5.11 -0.77 -27.71
CA THR B 16 -5.07 -2.14 -28.21
C THR B 16 -5.39 -2.25 -29.69
N GLU B 17 -5.98 -1.22 -30.30
CA GLU B 17 -6.18 -1.23 -31.74
C GLU B 17 -4.97 -0.67 -32.47
N LEU B 18 -3.96 -0.18 -31.74
CA LEU B 18 -2.75 0.34 -32.35
C LEU B 18 -1.75 -0.73 -32.74
N PHE B 19 -1.82 -1.92 -32.14
CA PHE B 19 -0.82 -2.96 -32.39
C PHE B 19 -1.10 -3.66 -33.70
N ASN B 20 -0.02 -4.03 -34.39
CA ASN B 20 -0.12 -4.92 -35.55
C ASN B 20 0.05 -6.33 -35.02
N TYR B 21 -1.07 -7.04 -34.87
CA TYR B 21 -1.07 -8.37 -34.27
C TYR B 21 -0.34 -9.38 -35.15
N GLN B 22 -0.18 -9.09 -36.43
CA GLN B 22 0.61 -9.97 -37.28
C GLN B 22 2.08 -9.94 -36.91
N LEU B 23 2.54 -8.85 -36.29
CA LEU B 23 3.95 -8.65 -35.98
C LEU B 23 4.30 -9.01 -34.54
N ALA B 24 3.42 -9.70 -33.82
CA ALA B 24 3.75 -10.15 -32.48
C ALA B 24 4.88 -11.18 -32.56
N GLU B 25 5.91 -11.01 -31.75
CA GLU B 25 7.06 -11.91 -31.87
C GLU B 25 6.83 -13.27 -31.23
N LYS B 26 6.04 -13.35 -30.15
CA LYS B 26 5.63 -14.62 -29.57
C LYS B 26 4.11 -14.62 -29.49
N SER B 27 3.49 -15.78 -29.68
CA SER B 27 2.04 -15.86 -29.64
C SER B 27 1.59 -17.23 -29.16
N TYR B 28 0.51 -17.26 -28.36
CA TYR B 28 0.01 -18.51 -27.80
C TYR B 28 -1.51 -18.61 -27.89
N ASP B 29 -1.98 -19.82 -28.18
CA ASP B 29 -3.41 -20.12 -28.29
C ASP B 29 -3.91 -20.56 -26.91
N ILE B 30 -4.86 -19.81 -26.35
CA ILE B 30 -5.32 -20.07 -24.99
C ILE B 30 -5.89 -21.47 -24.86
N ARG B 31 -6.51 -21.99 -25.93
CA ARG B 31 -7.04 -23.35 -25.90
C ARG B 31 -5.92 -24.38 -25.73
N VAL B 32 -4.82 -24.21 -26.47
CA VAL B 32 -3.67 -25.08 -26.30
C VAL B 32 -3.08 -24.91 -24.91
N LEU B 33 -3.02 -23.67 -24.42
CA LEU B 33 -2.51 -23.44 -23.08
C LEU B 33 -3.29 -24.23 -22.05
N GLN B 34 -4.63 -24.21 -22.15
CA GLN B 34 -5.47 -24.89 -21.19
C GLN B 34 -5.33 -26.40 -21.29
N SER B 35 -5.25 -26.92 -22.51
CA SER B 35 -5.17 -28.36 -22.67
C SER B 35 -3.89 -28.90 -22.08
N ASN B 36 -2.84 -28.10 -22.10
CA ASN B 36 -1.52 -28.56 -21.69
C ASN B 36 -1.17 -28.21 -20.27
N TYR B 37 -1.76 -27.16 -19.71
CA TYR B 37 -1.47 -26.77 -18.33
C TYR B 37 -2.79 -26.59 -17.58
N PRO B 38 -3.17 -27.56 -16.78
CA PRO B 38 -4.29 -27.34 -15.86
C PRO B 38 -3.95 -26.16 -14.98
N THR B 39 -4.97 -25.39 -14.59
CA THR B 39 -4.72 -24.22 -13.77
C THR B 39 -3.86 -24.56 -12.55
N LYS B 40 -4.12 -25.72 -11.93
CA LYS B 40 -3.40 -26.15 -10.71
C LYS B 40 -1.90 -26.30 -10.92
N LEU B 41 -1.45 -26.52 -12.15
CA LEU B 41 -0.02 -26.63 -12.40
C LEU B 41 0.63 -25.27 -12.69
N LEU B 42 -0.16 -24.19 -12.70
CA LEU B 42 0.33 -22.82 -12.90
C LEU B 42 0.23 -21.93 -11.67
N SER B 43 -0.83 -22.08 -10.87
CA SER B 43 -1.06 -21.25 -9.70
C SER B 43 0.15 -21.25 -8.77
N PRO B 44 0.63 -20.08 -8.34
CA PRO B 44 1.72 -20.09 -7.36
C PRO B 44 1.34 -20.75 -6.05
N ASP B 45 0.06 -20.68 -5.66
CA ASP B 45 -0.39 -21.27 -4.40
C ASP B 45 -0.23 -22.78 -4.39
N SER B 46 -0.28 -23.43 -5.55
CA SER B 46 -0.13 -24.88 -5.58
C SER B 46 1.23 -25.34 -5.06
N MET B 47 2.22 -24.47 -5.00
CA MET B 47 3.50 -24.82 -4.40
C MET B 47 3.51 -24.64 -2.88
N LEU B 48 2.43 -24.16 -2.29
CA LEU B 48 2.35 -23.93 -0.85
C LEU B 48 1.50 -25.01 -0.18
N PRO B 49 1.67 -25.22 1.11
CA PRO B 49 0.78 -26.15 1.82
C PRO B 49 -0.68 -25.82 1.55
N GLN B 50 -1.45 -26.84 1.19
CA GLN B 50 -2.85 -26.64 0.82
C GLN B 50 -3.75 -26.47 2.04
N THR B 51 -3.41 -25.47 2.87
CA THR B 51 -4.17 -25.25 4.10
C THR B 51 -5.57 -24.74 3.84
N ALA B 52 -5.89 -24.36 2.60
CA ALA B 52 -7.27 -24.06 2.27
C ALA B 52 -8.11 -25.32 2.10
N ASP B 53 -7.48 -26.48 1.89
CA ASP B 53 -8.18 -27.72 1.63
C ASP B 53 -8.07 -28.73 2.76
N TYR B 54 -6.89 -28.86 3.35
CA TYR B 54 -6.65 -29.75 4.48
C TYR B 54 -6.06 -28.91 5.62
N PRO B 55 -6.47 -29.17 6.86
CA PRO B 55 -5.83 -28.50 8.00
C PRO B 55 -4.35 -28.84 8.09
N LEU B 56 -3.57 -27.86 8.57
CA LEU B 56 -2.13 -27.98 8.67
C LEU B 56 -1.68 -29.12 9.57
N LYS B 57 -2.56 -29.62 10.45
CA LYS B 57 -2.19 -30.74 11.30
C LYS B 57 -1.96 -32.01 10.47
N ASP B 58 -2.87 -32.28 9.54
CA ASP B 58 -2.77 -33.47 8.70
C ASP B 58 -1.51 -33.45 7.84
N ILE B 59 -1.10 -32.28 7.35
CA ILE B 59 0.05 -32.20 6.45
C ILE B 59 1.34 -32.54 7.20
N GLN B 60 1.45 -32.09 8.45
CA GLN B 60 2.59 -32.41 9.29
C GLN B 60 2.44 -33.83 9.86
N LEU B 62 1.28 -36.54 8.02
CA LEU B 62 1.60 -37.07 6.69
C LEU B 62 3.08 -36.94 6.34
N TYR B 63 3.73 -35.86 6.75
CA TYR B 63 5.16 -35.70 6.53
C TYR B 63 5.94 -36.36 7.68
N LEU B 73 -5.65 -42.22 9.54
CA LEU B 73 -5.98 -40.82 9.27
C LEU B 73 -7.48 -40.61 9.10
N PRO B 74 -7.96 -39.39 9.37
CA PRO B 74 -9.41 -39.11 9.28
C PRO B 74 -9.98 -39.26 7.88
N LEU B 75 -11.30 -39.50 7.84
CA LEU B 75 -12.05 -39.75 6.62
C LEU B 75 -12.72 -38.47 6.13
N SER B 76 -13.08 -38.48 4.83
CA SER B 76 -13.74 -37.38 4.11
C SER B 76 -13.97 -37.77 2.65
N PRO B 77 -15.05 -37.27 2.01
CA PRO B 77 -15.28 -37.60 0.58
C PRO B 77 -14.14 -37.19 -0.34
N LEU B 78 -13.45 -36.09 -0.05
CA LEU B 78 -12.35 -35.60 -0.87
C LEU B 78 -11.04 -36.34 -0.57
N ILE B 79 -10.75 -36.58 0.70
CA ILE B 79 -9.48 -37.13 1.17
C ILE B 79 -9.20 -38.56 0.69
N THR B 80 -10.18 -39.24 0.07
CA THR B 80 -9.95 -40.60 -0.42
C THR B 80 -8.82 -40.65 -1.44
N GLU B 81 -8.77 -39.65 -2.35
CA GLU B 81 -7.75 -39.66 -3.41
C GLU B 81 -6.33 -39.44 -2.91
N PRO B 82 -6.01 -38.45 -2.06
CA PRO B 82 -4.62 -38.30 -1.60
C PRO B 82 -4.09 -39.44 -0.73
N LEU B 83 -4.96 -40.22 -0.10
CA LEU B 83 -4.53 -41.14 0.95
C LEU B 83 -3.51 -42.16 0.45
N VAL B 84 -3.76 -42.77 -0.71
CA VAL B 84 -2.92 -43.85 -1.23
C VAL B 84 -1.44 -43.45 -1.33
N PHE B 85 -1.16 -42.23 -1.82
CA PHE B 85 0.16 -41.83 -2.31
C PHE B 85 1.31 -42.10 -1.33
N THR B 86 1.16 -41.67 -0.07
CA THR B 86 2.28 -41.69 0.87
C THR B 86 2.77 -43.11 1.17
N ARG B 87 1.86 -44.07 1.38
CA ARG B 87 2.27 -45.42 1.74
C ARG B 87 3.03 -46.09 0.61
N ALA B 88 2.64 -45.81 -0.64
CA ALA B 88 3.34 -46.35 -1.80
C ALA B 88 4.82 -45.96 -1.80
N ILE B 89 5.14 -44.72 -1.42
CA ILE B 89 6.53 -44.28 -1.36
C ILE B 89 7.29 -45.13 -0.33
N GLY B 92 6.95 -50.12 -1.30
CA GLY B 92 6.97 -49.40 -2.57
C GLY B 92 5.89 -49.81 -3.57
N THR B 93 4.63 -49.48 -3.29
CA THR B 93 3.54 -49.83 -4.20
C THR B 93 3.67 -49.08 -5.52
N GLN B 94 3.48 -49.82 -6.62
CA GLN B 94 3.70 -49.27 -7.96
C GLN B 94 2.61 -48.25 -8.33
N LEU B 95 3.03 -46.99 -8.60
CA LEU B 95 2.17 -45.90 -9.04
C LEU B 95 2.38 -45.61 -10.52
N THR B 96 1.35 -45.87 -11.34
CA THR B 96 1.43 -45.80 -12.80
C THR B 96 1.15 -44.39 -13.29
N PRO B 97 1.46 -44.09 -14.57
CA PRO B 97 1.10 -42.76 -15.10
C PRO B 97 -0.39 -42.48 -15.11
N ARG B 98 -1.21 -43.52 -15.29
CA ARG B 98 -2.66 -43.35 -15.18
C ARG B 98 -3.07 -42.83 -13.81
N TRP B 99 -2.41 -43.31 -12.74
CA TRP B 99 -2.75 -42.88 -11.38
C TRP B 99 -2.59 -41.37 -11.22
N PHE B 100 -1.57 -40.79 -11.86
CA PHE B 100 -1.35 -39.36 -11.76
C PHE B 100 -2.32 -38.60 -12.64
N SER B 101 -2.68 -39.17 -13.79
CA SER B 101 -3.56 -38.51 -14.73
C SER B 101 -4.98 -38.35 -14.21
N ARG B 102 -5.41 -39.20 -13.28
CA ARG B 102 -6.77 -39.13 -12.74
C ARG B 102 -6.82 -38.47 -11.37
N SER B 103 -5.68 -38.07 -10.84
CA SER B 103 -5.55 -37.51 -9.50
C SER B 103 -5.78 -36.00 -9.54
N GLY B 104 -5.75 -35.39 -8.35
CA GLY B 104 -5.79 -33.96 -8.18
C GLY B 104 -4.45 -33.27 -8.36
N LEU B 105 -3.41 -34.00 -8.76
CA LEU B 105 -2.12 -33.44 -9.15
C LEU B 105 -1.31 -32.83 -8.00
N ILE B 106 -1.96 -32.09 -7.11
CA ILE B 106 -1.25 -31.29 -6.12
C ILE B 106 -1.18 -32.06 -4.80
N HIS B 107 0.04 -32.12 -4.24
CA HIS B 107 0.37 -32.74 -2.96
C HIS B 107 -0.08 -31.84 -1.81
N PRO B 108 -0.53 -32.43 -0.70
CA PRO B 108 -1.01 -31.61 0.41
C PRO B 108 0.00 -30.62 0.94
N GLY B 109 1.29 -30.95 0.90
CA GLY B 109 2.30 -30.05 1.41
C GLY B 109 2.82 -29.07 0.40
N GLY B 110 2.12 -28.94 -0.73
CA GLY B 110 2.57 -28.06 -1.80
C GLY B 110 3.35 -28.83 -2.85
N GLY B 111 3.18 -28.47 -4.13
CA GLY B 111 3.86 -29.19 -5.19
C GLY B 111 3.03 -30.35 -5.71
N SER B 112 3.58 -31.09 -6.64
CA SER B 112 2.80 -32.12 -7.28
C SER B 112 3.18 -33.50 -6.78
N TYR B 113 2.23 -34.44 -6.93
CA TYR B 113 2.53 -35.84 -6.69
C TYR B 113 3.61 -36.34 -7.63
N ALA B 114 3.46 -36.02 -8.91
CA ALA B 114 4.41 -36.48 -9.94
C ALA B 114 5.84 -36.14 -9.56
N ALA B 115 6.06 -34.90 -9.10
CA ALA B 115 7.42 -34.44 -8.79
C ALA B 115 8.08 -35.27 -7.70
N ARG B 116 7.29 -35.65 -6.68
CA ARG B 116 7.83 -36.42 -5.56
C ARG B 116 8.19 -37.84 -6.02
N TYR B 117 7.29 -38.47 -6.77
CA TYR B 117 7.52 -39.81 -7.31
C TYR B 117 8.81 -39.88 -8.12
N VAL B 118 8.97 -38.96 -9.06
CA VAL B 118 10.12 -38.94 -9.96
C VAL B 118 11.45 -38.67 -9.23
N ASP B 119 11.42 -38.08 -8.03
CA ASP B 119 12.64 -37.92 -7.24
C ASP B 119 13.22 -39.28 -6.84
N LYS B 120 12.35 -40.24 -6.50
CA LYS B 120 12.82 -41.58 -6.19
C LYS B 120 13.03 -42.42 -7.46
N TYR B 121 12.11 -42.32 -8.44
CA TYR B 121 12.11 -43.10 -9.67
C TYR B 121 12.36 -42.20 -10.87
N PRO B 122 13.61 -41.79 -11.11
CA PRO B 122 13.88 -40.80 -12.17
C PRO B 122 13.50 -41.25 -13.56
N GLU B 123 13.26 -42.55 -13.75
CA GLU B 123 12.98 -43.07 -15.08
C GLU B 123 11.57 -42.72 -15.55
N LEU B 124 10.73 -42.19 -14.67
CA LEU B 124 9.40 -41.78 -15.05
C LEU B 124 9.31 -40.29 -15.37
N GLN B 125 10.45 -39.58 -15.39
CA GLN B 125 10.41 -38.13 -15.54
C GLN B 125 9.64 -37.72 -16.79
N ASP B 126 9.98 -38.29 -17.95
CA ASP B 126 9.37 -37.81 -19.19
C ASP B 126 7.87 -38.15 -19.26
N LYS B 127 7.45 -39.24 -18.63
CA LYS B 127 6.06 -39.62 -18.70
C LYS B 127 5.19 -38.76 -17.77
N LEU B 128 5.76 -38.27 -16.66
CA LEU B 128 4.99 -37.56 -15.64
C LEU B 128 5.33 -36.07 -15.53
N ALA B 129 6.16 -35.53 -16.44
CA ALA B 129 6.48 -34.11 -16.35
C ALA B 129 5.22 -33.28 -16.55
N GLN B 130 4.31 -33.77 -17.37
CA GLN B 130 3.08 -33.05 -17.67
C GLN B 130 2.15 -32.93 -16.47
N TYR B 131 2.33 -33.72 -15.42
CA TYR B 131 1.52 -33.61 -14.21
C TYR B 131 2.26 -32.91 -13.08
N MET B 132 3.42 -32.32 -13.37
CA MET B 132 4.15 -31.55 -12.38
C MET B 132 3.75 -30.08 -12.49
N HIS B 133 3.94 -29.35 -11.40
CA HIS B 133 3.78 -27.91 -11.45
C HIS B 133 4.93 -27.30 -12.25
N ILE B 134 4.62 -26.24 -13.02
CA ILE B 134 5.63 -25.62 -13.88
C ILE B 134 6.85 -25.18 -13.08
N LYS B 135 6.66 -24.83 -11.80
CA LYS B 135 7.81 -24.46 -10.98
C LYS B 135 8.70 -25.65 -10.59
N GLU B 136 8.23 -26.89 -10.75
CA GLU B 136 9.06 -28.08 -10.50
C GLU B 136 9.72 -28.61 -11.76
N ARG B 137 9.44 -28.03 -12.91
CA ARG B 137 9.89 -28.57 -14.18
C ARG B 137 11.13 -27.85 -14.68
N LYS B 138 12.06 -28.61 -15.25
CA LYS B 138 13.17 -28.00 -15.93
C LYS B 138 12.71 -27.64 -17.34
N ASN B 139 13.34 -26.62 -17.90
CA ASN B 139 13.02 -26.22 -19.26
C ASN B 139 13.56 -27.24 -20.26
N VAL B 140 12.76 -27.57 -21.26
CA VAL B 140 13.15 -28.52 -22.30
C VAL B 140 13.35 -27.77 -23.61
N GLN B 141 14.34 -28.23 -24.39
CA GLN B 141 14.67 -27.58 -25.66
C GLN B 141 13.48 -27.62 -26.63
N GLY B 142 13.03 -26.43 -27.04
CA GLY B 142 11.93 -26.32 -27.96
C GLY B 142 10.56 -26.26 -27.33
N ASP B 143 10.48 -26.10 -26.01
CA ASP B 143 9.21 -25.84 -25.34
C ASP B 143 9.23 -24.39 -24.85
N GLU B 144 8.86 -23.47 -25.77
CA GLU B 144 8.93 -22.05 -25.47
C GLU B 144 7.75 -21.57 -24.61
N LEU B 145 6.58 -22.21 -24.71
CA LEU B 145 5.47 -21.85 -23.84
C LEU B 145 5.85 -22.10 -22.37
N LEU B 146 6.33 -23.32 -22.07
CA LEU B 146 6.78 -23.65 -20.71
C LEU B 146 7.83 -22.65 -20.22
N ALA B 147 8.74 -22.24 -21.10
CA ALA B 147 9.72 -21.22 -20.73
C ALA B 147 9.03 -19.93 -20.36
N SER B 148 8.06 -19.49 -21.18
CA SER B 148 7.36 -18.25 -20.89
C SER B 148 6.58 -18.33 -19.58
N LEU B 149 5.92 -19.45 -19.33
CA LEU B 149 5.12 -19.59 -18.11
C LEU B 149 6.01 -19.56 -16.86
N LYS B 150 7.13 -20.27 -16.91
CA LYS B 150 7.99 -20.42 -15.73
C LYS B 150 8.62 -19.11 -15.30
N SER B 151 8.93 -18.22 -16.25
CA SER B 151 9.60 -16.98 -15.90
C SER B 151 8.65 -15.91 -15.37
N MET B 152 7.33 -16.13 -15.45
CA MET B 152 6.38 -15.14 -14.97
C MET B 152 6.43 -15.05 -13.46
N ASN B 153 6.32 -13.82 -12.96
CA ASN B 153 6.13 -13.68 -11.54
C ASN B 153 4.66 -13.89 -11.20
N ASP B 154 4.37 -13.92 -9.90
CA ASP B 154 3.03 -14.28 -9.45
C ASP B 154 1.96 -13.39 -10.06
N ASP B 155 2.16 -12.07 -10.07
CA ASP B 155 1.15 -11.17 -10.64
C ASP B 155 0.89 -11.47 -12.12
N ALA B 156 1.95 -11.74 -12.89
CA ALA B 156 1.76 -11.98 -14.32
C ALA B 156 1.01 -13.29 -14.56
N ILE B 157 1.44 -14.36 -13.92
CA ILE B 157 0.77 -15.63 -14.20
C ILE B 157 -0.65 -15.62 -13.64
N ASN B 158 -0.88 -14.89 -12.53
CA ASN B 158 -2.25 -14.84 -12.01
C ASN B 158 -3.17 -14.08 -12.95
N ALA B 159 -2.65 -13.05 -13.64
CA ALA B 159 -3.44 -12.39 -14.68
C ALA B 159 -3.67 -13.34 -15.86
N LEU B 160 -2.66 -14.14 -16.22
CA LEU B 160 -2.90 -15.14 -17.26
C LEU B 160 -3.98 -16.11 -16.80
N ILE B 161 -3.86 -16.63 -15.58
CA ILE B 161 -4.86 -17.58 -15.09
C ILE B 161 -6.25 -16.97 -15.15
N ALA B 162 -6.37 -15.68 -14.81
CA ALA B 162 -7.65 -14.97 -14.90
C ALA B 162 -8.09 -14.66 -16.33
N GLY B 163 -7.27 -14.94 -17.35
CA GLY B 163 -7.63 -14.60 -18.72
C GLY B 163 -7.74 -13.09 -18.96
N ALA B 164 -6.91 -12.30 -18.29
CA ALA B 164 -6.99 -10.84 -18.37
C ALA B 164 -6.81 -10.35 -19.80
N SER B 165 -7.45 -9.22 -20.10
CA SER B 165 -7.34 -8.63 -21.43
C SER B 165 -5.90 -8.30 -21.76
N MET B 166 -5.09 -8.02 -20.75
CA MET B 166 -3.71 -7.64 -20.96
C MET B 166 -2.98 -7.82 -19.63
N PHE B 167 -1.65 -7.90 -19.73
CA PHE B 167 -0.77 -7.85 -18.56
C PHE B 167 0.66 -7.69 -19.01
N ILE B 168 1.48 -7.09 -18.13
CA ILE B 168 2.90 -6.89 -18.38
C ILE B 168 3.64 -8.03 -17.71
N GLU B 169 4.54 -8.64 -18.46
CA GLU B 169 5.39 -9.75 -18.00
C GLU B 169 6.82 -9.27 -18.13
N GLN B 170 7.45 -8.93 -17.00
CA GLN B 170 8.78 -8.35 -16.98
C GLN B 170 8.84 -7.12 -17.89
N ASN B 171 9.45 -7.24 -19.08
CA ASN B 171 9.54 -6.10 -20.00
C ASN B 171 8.64 -6.25 -21.22
N GLU B 172 7.84 -7.32 -21.32
CA GLU B 172 6.95 -7.55 -22.46
C GLU B 172 5.48 -7.40 -22.08
N LEU B 173 4.67 -7.05 -23.08
CA LEU B 173 3.25 -6.88 -22.89
C LEU B 173 2.47 -8.04 -23.52
N TRP B 174 1.63 -8.66 -22.72
CA TRP B 174 0.72 -9.68 -23.22
C TRP B 174 -0.63 -9.05 -23.50
N LEU B 175 -1.15 -9.22 -24.72
CA LEU B 175 -2.44 -8.69 -25.13
C LEU B 175 -3.31 -9.83 -25.62
N ARG B 176 -4.55 -9.87 -25.16
CA ARG B 176 -5.50 -10.89 -25.59
C ARG B 176 -6.30 -10.40 -26.80
N ARG B 177 -6.47 -11.28 -27.78
CA ARG B 177 -7.32 -10.99 -28.93
C ARG B 177 -7.98 -12.30 -29.34
N GLY B 178 -9.25 -12.47 -29.00
CA GLY B 178 -9.92 -13.73 -29.28
C GLY B 178 -9.37 -14.89 -28.47
N ASP B 179 -8.89 -15.93 -29.18
CA ASP B 179 -8.38 -17.14 -28.54
C ASP B 179 -6.88 -17.11 -28.30
N HIS B 180 -6.23 -15.98 -28.50
CA HIS B 180 -4.78 -15.92 -28.43
C HIS B 180 -4.31 -14.76 -27.58
N TYR B 181 -3.11 -14.92 -27.04
CA TYR B 181 -2.35 -13.86 -26.41
C TYR B 181 -1.22 -13.50 -27.35
N PHE B 182 -0.92 -12.21 -27.45
CA PHE B 182 0.17 -11.70 -28.29
C PHE B 182 1.18 -11.00 -27.41
N VAL B 183 2.46 -11.27 -27.62
CA VAL B 183 3.53 -10.69 -26.82
C VAL B 183 4.31 -9.68 -27.65
N PHE B 184 4.44 -8.45 -27.15
CA PHE B 184 5.13 -7.36 -27.81
C PHE B 184 6.24 -6.86 -26.91
N PRO B 185 7.41 -6.56 -27.45
CA PRO B 185 8.51 -6.05 -26.62
C PRO B 185 8.30 -4.57 -26.33
N LYS B 186 9.06 -4.09 -25.33
CA LYS B 186 8.94 -2.70 -24.88
C LYS B 186 9.08 -1.70 -26.02
N SER B 187 9.96 -2.00 -26.98
CA SER B 187 10.20 -1.09 -28.10
C SER B 187 8.97 -0.82 -28.93
N VAL B 188 7.95 -1.67 -28.84
CA VAL B 188 6.70 -1.46 -29.58
C VAL B 188 5.62 -0.88 -28.68
N TRP B 189 5.41 -1.47 -27.48
CA TRP B 189 4.26 -1.06 -26.69
C TRP B 189 4.49 0.28 -26.01
N GLN B 190 5.74 0.58 -25.64
CA GLN B 190 6.04 1.84 -24.97
C GLN B 190 5.62 3.03 -25.83
N GLU B 191 5.88 2.97 -27.14
CA GLU B 191 5.46 4.03 -28.05
C GLU B 191 3.94 4.03 -28.24
N ASN B 192 3.31 2.86 -28.27
CA ASN B 192 1.85 2.84 -28.39
C ASN B 192 1.19 3.46 -27.17
N VAL B 193 1.77 3.26 -25.98
CA VAL B 193 1.25 3.87 -24.77
C VAL B 193 1.23 5.39 -24.93
N ALA B 194 2.33 5.94 -25.45
CA ALA B 194 2.40 7.39 -25.65
C ALA B 194 1.41 7.84 -26.71
N ASN B 195 1.29 7.10 -27.82
CA ASN B 195 0.45 7.56 -28.93
C ASN B 195 -1.05 7.48 -28.62
N ALA B 196 -1.46 6.66 -27.65
CA ALA B 196 -2.86 6.62 -27.26
C ALA B 196 -3.18 7.64 -26.18
N GLY B 197 -2.16 8.25 -25.58
CA GLY B 197 -2.32 9.27 -24.56
C GLY B 197 -2.44 8.72 -23.15
N LEU B 198 -1.67 7.68 -22.82
CA LEU B 198 -1.80 6.94 -21.57
C LEU B 198 -0.50 6.92 -20.78
N SER B 199 -0.58 6.36 -19.58
CA SER B 199 0.55 6.03 -18.72
C SER B 199 0.09 4.88 -17.82
N PHE B 200 1.05 4.23 -17.16
CA PHE B 200 0.69 3.16 -16.23
C PHE B 200 1.82 2.90 -15.25
N LYS B 201 1.46 2.21 -14.16
CA LYS B 201 2.37 1.62 -13.19
C LYS B 201 1.85 0.21 -12.94
N LEU B 202 2.74 -0.69 -12.52
CA LEU B 202 2.24 -2.03 -12.22
C LEU B 202 1.41 -1.98 -10.94
N ALA B 203 0.49 -2.94 -10.79
CA ALA B 203 -0.35 -2.93 -9.61
C ALA B 203 0.48 -3.09 -8.35
N SER B 204 1.61 -3.80 -8.46
CA SER B 204 2.51 -4.02 -7.33
C SER B 204 3.36 -2.80 -7.01
N GLN B 205 3.27 -1.76 -7.83
CA GLN B 205 4.07 -0.55 -7.68
C GLN B 205 3.26 0.63 -7.13
N THR B 206 2.01 0.78 -7.53
CA THR B 206 1.19 1.88 -7.02
C THR B 206 0.23 1.39 -5.94
N LYS B 207 -0.28 2.34 -5.16
CA LYS B 207 -1.29 2.06 -4.15
C LYS B 207 -2.69 2.41 -4.63
N SER B 208 -2.80 3.16 -5.72
CA SER B 208 -4.06 3.62 -6.28
C SER B 208 -4.21 3.03 -7.67
N CYS B 209 -5.01 1.97 -7.80
CA CYS B 209 -5.24 1.30 -9.07
C CYS B 209 -6.72 1.43 -9.42
N PHE B 210 -7.10 2.59 -9.93
CA PHE B 210 -8.52 2.84 -10.21
C PHE B 210 -8.98 2.25 -11.54
N VAL B 211 -8.11 2.17 -12.53
CA VAL B 211 -8.47 1.59 -13.82
C VAL B 211 -7.53 0.43 -14.07
N LYS B 212 -7.94 -0.75 -13.60
CA LYS B 212 -7.11 -1.93 -13.58
C LYS B 212 -7.42 -2.81 -14.79
N ARG B 213 -6.37 -3.30 -15.45
CA ARG B 213 -6.48 -4.27 -16.54
C ARG B 213 -5.35 -5.26 -16.33
N GLY B 214 -5.68 -6.47 -15.87
CA GLY B 214 -4.63 -7.40 -15.47
C GLY B 214 -3.80 -6.83 -14.33
N ASN B 215 -2.47 -6.84 -14.46
CA ASN B 215 -1.61 -6.21 -13.46
C ASN B 215 -1.19 -4.79 -13.85
N ILE B 216 -2.00 -4.12 -14.67
CA ILE B 216 -1.70 -2.77 -15.18
C ILE B 216 -2.71 -1.78 -14.60
N CYS B 217 -2.23 -0.63 -14.15
CA CYS B 217 -3.06 0.45 -13.61
C CYS B 217 -2.92 1.65 -14.54
N TRP B 218 -3.90 1.87 -15.40
CA TRP B 218 -3.82 2.90 -16.42
C TRP B 218 -4.13 4.29 -15.86
N ASP B 219 -3.77 5.32 -16.63
CA ASP B 219 -4.03 6.74 -16.36
C ASP B 219 -3.73 7.49 -17.67
N VAL B 220 -3.88 8.82 -17.66
CA VAL B 220 -3.62 9.63 -18.86
C VAL B 220 -2.14 9.92 -19.10
#